data_3ZPR
#
_entry.id   3ZPR
#
_cell.length_a   89.968
_cell.length_b   60.812
_cell.length_c   101.178
_cell.angle_alpha   90.00
_cell.angle_beta   109.20
_cell.angle_gamma   90.00
#
_symmetry.space_group_name_H-M   'P 1 21 1'
#
loop_
_entity.id
_entity.type
_entity.pdbx_description
1 polymer 'BETA-1 ADRENERGIC RECEPTOR'
2 non-polymer 'SODIUM ION'
3 non-polymer 'CHOLESTEROL HEMISUCCINATE'
4 non-polymer '4-METHYL-2-(PIPERAZIN-1-YL) QUINOLINE'
5 non-polymer HEGA-10
6 water water
#
_entity_poly.entity_id   1
_entity_poly.type   'polypeptide(L)'
_entity_poly.pdbx_seq_one_letter_code
;MGAELLSQQWEAGMSLLMALVVLLIVAGNVLVIAAIGSTQRLQTLTNLFITSLACADLVVGLLVVPFGATLVVRGTWLWG
SFLCELWTSLDVLCVTASIETLCVIAIDRYLAITSPFRYQSLMTRARAKVIICTVWAISALVSFLPIMMHWWRDEDPQAL
KCYQDPGCCDFVTNRAYAIASSIISFYIPLLIMIFVALRVYREAKEQIRKIDRASKRKTSRVMLMREHKALKTLGIIMGV
FTLCWLPFFLVNIVNVFNRDLVPDWLFVAFNWLGYANSAMNPIIYCRSPDFRKAFKRLLAFPRKADRRLHHHHHH
;
_entity_poly.pdbx_strand_id   A,B
#
# COMPACT_ATOMS: atom_id res chain seq x y z
N GLY A 2 -23.65 -20.63 -41.94
CA GLY A 2 -24.07 -19.20 -41.88
C GLY A 2 -23.46 -18.57 -40.63
N ALA A 3 -24.11 -18.83 -39.50
CA ALA A 3 -23.52 -18.57 -38.18
C ALA A 3 -22.17 -19.31 -38.04
N GLU A 4 -22.15 -20.57 -38.45
CA GLU A 4 -20.94 -21.39 -38.41
C GLU A 4 -19.78 -20.90 -39.31
N LEU A 5 -20.07 -20.51 -40.54
CA LEU A 5 -19.06 -19.91 -41.43
C LEU A 5 -18.52 -18.59 -40.86
N LEU A 6 -19.41 -17.82 -40.25
CA LEU A 6 -19.05 -16.52 -39.72
C LEU A 6 -18.13 -16.67 -38.49
N SER A 7 -18.36 -17.77 -37.76
CA SER A 7 -17.60 -18.09 -36.57
C SER A 7 -16.24 -18.59 -37.00
N GLN A 8 -16.23 -19.52 -37.93
CA GLN A 8 -14.99 -20.05 -38.46
C GLN A 8 -14.10 -18.96 -39.06
N GLN A 9 -14.71 -17.92 -39.64
CA GLN A 9 -13.95 -16.85 -40.26
C GLN A 9 -13.29 -16.00 -39.19
N TRP A 10 -14.07 -15.61 -38.18
CA TRP A 10 -13.59 -14.82 -37.06
C TRP A 10 -12.61 -15.57 -36.19
N GLU A 11 -12.92 -16.80 -35.81
CA GLU A 11 -11.97 -17.64 -35.05
C GLU A 11 -10.60 -17.71 -35.72
N ALA A 12 -10.58 -18.00 -37.02
CA ALA A 12 -9.32 -18.12 -37.77
C ALA A 12 -8.57 -16.81 -37.78
N GLY A 13 -9.29 -15.72 -38.00
CA GLY A 13 -8.66 -14.41 -38.12
C GLY A 13 -8.15 -13.88 -36.80
N MET A 14 -8.89 -14.06 -35.72
CA MET A 14 -8.43 -13.61 -34.41
C MET A 14 -7.24 -14.44 -33.99
N SER A 15 -7.30 -15.74 -34.18
CA SER A 15 -6.16 -16.59 -33.81
C SER A 15 -4.83 -16.15 -34.43
N LEU A 16 -4.81 -15.76 -35.69
CA LEU A 16 -3.61 -15.23 -36.34
C LEU A 16 -3.16 -13.95 -35.68
N LEU A 17 -4.10 -13.01 -35.52
CA LEU A 17 -3.84 -11.70 -34.92
C LEU A 17 -3.30 -11.85 -33.49
N MET A 18 -3.89 -12.75 -32.70
CA MET A 18 -3.39 -13.06 -31.37
C MET A 18 -1.99 -13.63 -31.46
N ALA A 19 -1.74 -14.53 -32.42
CA ALA A 19 -0.39 -15.10 -32.62
C ALA A 19 0.61 -14.00 -32.89
N LEU A 20 0.24 -13.06 -33.77
CA LEU A 20 1.12 -11.95 -34.08
C LEU A 20 1.46 -11.18 -32.81
N VAL A 21 0.45 -10.82 -32.02
CA VAL A 21 0.66 -10.02 -30.79
C VAL A 21 1.58 -10.76 -29.81
N VAL A 22 1.36 -12.04 -29.62
CA VAL A 22 2.21 -12.87 -28.78
C VAL A 22 3.66 -12.86 -29.29
N LEU A 23 3.82 -13.06 -30.58
CA LEU A 23 5.14 -13.15 -31.21
C LEU A 23 5.90 -11.84 -31.07
N LEU A 24 5.18 -10.74 -31.24
CA LEU A 24 5.75 -9.42 -31.12
C LEU A 24 6.19 -9.17 -29.68
N ILE A 25 5.31 -9.46 -28.72
CA ILE A 25 5.63 -9.29 -27.30
C ILE A 25 6.80 -10.16 -26.93
N VAL A 26 6.79 -11.42 -27.33
CA VAL A 26 7.87 -12.34 -26.93
C VAL A 26 9.21 -12.06 -27.61
N ALA A 27 9.21 -11.89 -28.94
CA ALA A 27 10.43 -11.60 -29.69
C ALA A 27 11.06 -10.30 -29.19
N GLY A 28 10.26 -9.26 -29.10
CA GLY A 28 10.76 -7.95 -28.64
C GLY A 28 11.45 -7.94 -27.27
N ASN A 29 10.91 -8.72 -26.32
CA ASN A 29 11.38 -8.68 -24.95
C ASN A 29 12.53 -9.66 -24.71
N VAL A 30 12.51 -10.79 -25.42
CA VAL A 30 13.69 -11.65 -25.48
C VAL A 30 14.87 -10.86 -26.08
N LEU A 31 14.61 -10.10 -27.15
CA LEU A 31 15.66 -9.26 -27.71
C LEU A 31 16.21 -8.27 -26.69
N VAL A 32 15.35 -7.60 -25.93
CA VAL A 32 15.81 -6.64 -24.91
C VAL A 32 16.66 -7.36 -23.86
N ILE A 33 16.23 -8.55 -23.46
CA ILE A 33 16.92 -9.29 -22.39
C ILE A 33 18.26 -9.82 -22.87
N ALA A 34 18.25 -10.43 -24.06
CA ALA A 34 19.49 -10.90 -24.72
C ALA A 34 20.48 -9.75 -25.00
N ALA A 35 19.99 -8.60 -25.47
CA ALA A 35 20.83 -7.42 -25.73
C ALA A 35 21.61 -6.98 -24.50
N ILE A 36 20.89 -6.72 -23.41
CA ILE A 36 21.46 -6.31 -22.13
C ILE A 36 22.34 -7.39 -21.52
N GLY A 37 22.01 -8.65 -21.78
CA GLY A 37 22.76 -9.76 -21.18
C GLY A 37 23.99 -10.17 -21.98
N SER A 38 24.23 -9.53 -23.13
CA SER A 38 25.35 -9.87 -23.98
C SER A 38 26.17 -8.66 -24.40
N THR A 39 25.84 -7.48 -23.92
CA THR A 39 26.52 -6.26 -24.35
C THR A 39 26.99 -5.49 -23.11
N GLN A 40 28.27 -5.66 -22.77
CA GLN A 40 28.93 -4.95 -21.65
C GLN A 40 28.52 -3.49 -21.50
N ARG A 41 28.39 -2.79 -22.63
CA ARG A 41 28.03 -1.37 -22.66
C ARG A 41 26.60 -1.10 -22.14
N LEU A 42 25.68 -2.04 -22.37
CA LEU A 42 24.29 -1.93 -21.92
C LEU A 42 24.06 -2.54 -20.52
N GLN A 43 25.11 -3.04 -19.88
CA GLN A 43 24.98 -3.62 -18.55
C GLN A 43 25.06 -2.59 -17.41
N THR A 44 24.44 -1.43 -17.60
CA THR A 44 24.30 -0.43 -16.55
C THR A 44 23.30 -0.90 -15.47
N LEU A 45 23.35 -0.32 -14.29
CA LEU A 45 22.40 -0.67 -13.23
C LEU A 45 20.96 -0.34 -13.64
N THR A 46 20.78 0.81 -14.29
CA THR A 46 19.46 1.20 -14.82
C THR A 46 18.88 0.13 -15.75
N ASN A 47 19.74 -0.52 -16.52
CA ASN A 47 19.28 -1.57 -17.42
C ASN A 47 18.93 -2.86 -16.72
N LEU A 48 19.39 -3.04 -15.49
CA LEU A 48 18.91 -4.16 -14.66
C LEU A 48 17.41 -3.96 -14.40
N PHE A 49 17.01 -2.71 -14.16
CA PHE A 49 15.61 -2.40 -13.94
C PHE A 49 14.80 -2.57 -15.21
N ILE A 50 15.37 -2.17 -16.36
CA ILE A 50 14.74 -2.45 -17.66
C ILE A 50 14.56 -3.96 -17.90
N THR A 51 15.49 -4.77 -17.45
CA THR A 51 15.35 -6.21 -17.65
C THR A 51 14.15 -6.77 -16.87
N SER A 52 13.97 -6.26 -15.66
CA SER A 52 12.85 -6.63 -14.81
C SER A 52 11.51 -6.31 -15.50
N LEU A 53 11.49 -5.17 -16.17
CA LEU A 53 10.35 -4.70 -16.93
C LEU A 53 10.08 -5.57 -18.19
N ALA A 54 11.16 -6.00 -18.85
CA ALA A 54 11.08 -6.96 -19.93
C ALA A 54 10.54 -8.31 -19.43
N CYS A 55 10.91 -8.70 -18.21
CA CYS A 55 10.43 -9.95 -17.66
C CYS A 55 8.94 -9.89 -17.43
N ALA A 56 8.48 -8.76 -16.92
CA ALA A 56 7.05 -8.54 -16.71
C ALA A 56 6.31 -8.69 -18.02
N ASP A 57 6.84 -8.08 -19.07
CA ASP A 57 6.21 -8.09 -20.38
C ASP A 57 6.33 -9.46 -21.03
N LEU A 58 7.45 -10.13 -20.80
CA LEU A 58 7.61 -11.49 -21.30
C LEU A 58 6.54 -12.39 -20.68
N VAL A 59 6.30 -12.24 -19.39
CA VAL A 59 5.31 -13.07 -18.71
C VAL A 59 3.92 -12.77 -19.28
N VAL A 60 3.69 -11.53 -19.68
CA VAL A 60 2.42 -11.18 -20.30
C VAL A 60 2.27 -11.85 -21.68
N GLY A 61 3.36 -11.94 -22.42
CA GLY A 61 3.33 -12.57 -23.74
C GLY A 61 3.29 -14.08 -23.70
N LEU A 62 3.85 -14.68 -22.66
CA LEU A 62 3.94 -16.13 -22.60
C LEU A 62 2.77 -16.75 -21.90
N LEU A 63 2.16 -16.05 -20.95
CA LEU A 63 1.09 -16.64 -20.12
C LEU A 63 -0.19 -15.81 -20.10
N VAL A 64 -0.07 -14.51 -19.91
CA VAL A 64 -1.27 -13.71 -19.75
C VAL A 64 -2.02 -13.65 -21.07
N VAL A 65 -1.37 -13.18 -22.14
CA VAL A 65 -2.05 -13.00 -23.43
C VAL A 65 -2.53 -14.29 -24.11
N PRO A 66 -1.68 -15.32 -24.23
CA PRO A 66 -2.17 -16.60 -24.75
C PRO A 66 -3.50 -17.07 -24.16
N PHE A 67 -3.60 -17.05 -22.83
CA PHE A 67 -4.81 -17.52 -22.15
C PHE A 67 -5.97 -16.60 -22.45
N GLY A 68 -5.75 -15.31 -22.39
CA GLY A 68 -6.78 -14.37 -22.75
C GLY A 68 -7.17 -14.49 -24.22
N ALA A 69 -6.23 -14.93 -25.05
CA ALA A 69 -6.50 -15.11 -26.47
C ALA A 69 -7.50 -16.26 -26.61
N THR A 70 -7.21 -17.39 -25.97
CA THR A 70 -8.12 -18.53 -26.04
C THR A 70 -9.54 -18.14 -25.64
N LEU A 71 -9.65 -17.16 -24.72
CA LEU A 71 -10.94 -16.68 -24.25
C LEU A 71 -11.62 -15.84 -25.31
N VAL A 72 -10.90 -14.88 -25.88
CA VAL A 72 -11.47 -14.01 -26.92
C VAL A 72 -11.86 -14.88 -28.12
N VAL A 73 -10.98 -15.78 -28.54
CA VAL A 73 -11.20 -16.60 -29.74
C VAL A 73 -12.32 -17.61 -29.61
N ARG A 74 -12.36 -18.34 -28.50
CA ARG A 74 -13.30 -19.45 -28.34
C ARG A 74 -14.64 -19.12 -27.66
N GLY A 75 -14.71 -18.02 -26.93
CA GLY A 75 -15.96 -17.60 -26.29
C GLY A 75 -16.28 -18.26 -24.96
N THR A 76 -15.44 -19.18 -24.49
CA THR A 76 -15.45 -19.62 -23.08
C THR A 76 -14.06 -19.87 -22.55
N TRP A 77 -13.99 -20.12 -21.23
CA TRP A 77 -12.75 -20.46 -20.55
C TRP A 77 -12.57 -21.93 -20.57
N LEU A 78 -11.48 -22.38 -21.15
CA LEU A 78 -11.30 -23.81 -21.38
C LEU A 78 -10.49 -24.50 -20.29
N TRP A 79 -9.96 -23.78 -19.31
CA TRP A 79 -8.89 -24.36 -18.48
C TRP A 79 -9.22 -24.64 -17.05
N GLY A 80 -10.46 -24.40 -16.65
CA GLY A 80 -10.88 -24.68 -15.27
C GLY A 80 -10.67 -23.52 -14.33
N SER A 81 -11.28 -23.62 -13.16
CA SER A 81 -11.34 -22.51 -12.22
C SER A 81 -10.01 -22.20 -11.55
N PHE A 82 -9.17 -23.19 -11.29
CA PHE A 82 -7.87 -22.90 -10.66
C PHE A 82 -7.04 -22.03 -11.59
N LEU A 83 -6.87 -22.50 -12.82
CA LEU A 83 -6.07 -21.78 -13.81
C LEU A 83 -6.64 -20.39 -14.12
N CYS A 84 -7.94 -20.22 -13.94
CA CYS A 84 -8.59 -18.94 -14.14
C CYS A 84 -8.13 -17.92 -13.11
N GLU A 85 -8.05 -18.39 -11.86
CA GLU A 85 -7.55 -17.60 -10.74
C GLU A 85 -6.03 -17.40 -10.88
N LEU A 86 -5.29 -18.44 -11.19
CA LEU A 86 -3.86 -18.26 -11.43
C LEU A 86 -3.64 -17.18 -12.51
N TRP A 87 -4.34 -17.30 -13.62
CA TRP A 87 -4.16 -16.41 -14.72
C TRP A 87 -4.47 -14.99 -14.33
N THR A 88 -5.60 -14.76 -13.69
CA THR A 88 -5.93 -13.43 -13.18
C THR A 88 -4.86 -12.84 -12.27
N SER A 89 -4.33 -13.69 -11.36
CA SER A 89 -3.23 -13.33 -10.48
C SER A 89 -2.02 -12.84 -11.23
N LEU A 90 -1.62 -13.62 -12.24
CA LEU A 90 -0.44 -13.29 -13.05
C LEU A 90 -0.67 -11.98 -13.80
N ASP A 91 -1.90 -11.77 -14.23
CA ASP A 91 -2.29 -10.51 -14.87
C ASP A 91 -2.13 -9.31 -13.94
N VAL A 92 -2.76 -9.37 -12.78
CA VAL A 92 -2.54 -8.34 -11.77
C VAL A 92 -1.05 -8.19 -11.41
N LEU A 93 -0.31 -9.28 -11.27
CA LEU A 93 1.12 -9.20 -10.87
C LEU A 93 1.93 -8.35 -11.83
N CYS A 94 1.73 -8.58 -13.11
CA CYS A 94 2.56 -7.98 -14.15
C CYS A 94 2.34 -6.51 -14.24
N VAL A 95 1.10 -6.07 -14.16
CA VAL A 95 0.82 -4.63 -14.17
C VAL A 95 1.43 -3.95 -12.93
N THR A 96 1.28 -4.56 -11.77
CA THR A 96 1.80 -4.01 -10.52
C THR A 96 3.34 -3.95 -10.58
N ALA A 97 3.95 -5.04 -11.04
CA ALA A 97 5.40 -5.12 -11.10
C ALA A 97 5.94 -4.09 -12.10
N SER A 98 5.22 -3.89 -13.20
CA SER A 98 5.62 -2.94 -14.22
C SER A 98 5.67 -1.53 -13.71
N ILE A 99 4.57 -1.05 -13.17
CA ILE A 99 4.47 0.33 -12.67
C ILE A 99 5.37 0.53 -11.42
N GLU A 100 5.57 -0.49 -10.60
CA GLU A 100 6.48 -0.33 -9.45
C GLU A 100 7.93 -0.21 -9.93
N THR A 101 8.32 -1.03 -10.91
CA THR A 101 9.63 -0.91 -11.54
C THR A 101 9.83 0.46 -12.22
N LEU A 102 8.81 0.98 -12.92
CA LEU A 102 8.96 2.29 -13.56
C LEU A 102 9.20 3.33 -12.49
N CYS A 103 8.56 3.11 -11.37
CA CYS A 103 8.66 3.98 -10.25
C CYS A 103 10.12 4.01 -9.73
N VAL A 104 10.68 2.82 -9.54
CA VAL A 104 12.09 2.67 -9.14
C VAL A 104 13.08 3.34 -10.10
N ILE A 105 12.87 3.12 -11.41
CA ILE A 105 13.64 3.72 -12.48
C ILE A 105 13.64 5.25 -12.32
N ALA A 106 12.46 5.84 -12.12
CA ALA A 106 12.36 7.27 -12.00
C ALA A 106 13.15 7.73 -10.80
N ILE A 107 13.08 7.01 -9.68
CA ILE A 107 13.82 7.37 -8.47
C ILE A 107 15.34 7.18 -8.70
N ASP A 108 15.72 6.08 -9.33
CA ASP A 108 17.13 5.81 -9.67
C ASP A 108 17.74 6.99 -10.45
N ARG A 109 17.01 7.49 -11.45
CA ARG A 109 17.46 8.62 -12.24
C ARG A 109 17.49 9.91 -11.43
N TYR A 110 16.51 10.11 -10.57
CA TYR A 110 16.49 11.29 -9.73
C TYR A 110 17.74 11.33 -8.84
N LEU A 111 18.10 10.20 -8.23
CA LEU A 111 19.30 10.13 -7.39
C LEU A 111 20.55 10.31 -8.23
N ALA A 112 20.58 9.68 -9.40
CA ALA A 112 21.70 9.83 -10.33
C ALA A 112 21.93 11.30 -10.71
N ILE A 113 20.84 12.04 -10.96
CA ILE A 113 20.94 13.38 -11.51
C ILE A 113 21.22 14.46 -10.47
N THR A 114 20.71 14.30 -9.26
CA THR A 114 20.88 15.31 -8.22
C THR A 114 22.07 15.02 -7.33
N SER A 115 22.42 13.76 -7.16
CA SER A 115 23.56 13.43 -6.33
C SER A 115 24.38 12.29 -6.92
N PRO A 116 25.05 12.56 -8.06
CA PRO A 116 25.78 11.52 -8.81
C PRO A 116 26.84 10.77 -7.99
N PHE A 117 27.45 11.43 -7.01
CA PHE A 117 28.48 10.84 -6.16
C PHE A 117 27.87 9.98 -5.05
N ARG A 118 26.85 10.50 -4.40
CA ARG A 118 26.14 9.72 -3.40
C ARG A 118 25.60 8.47 -4.10
N TYR A 119 25.09 8.65 -5.31
CA TYR A 119 24.60 7.53 -6.12
C TYR A 119 25.71 6.53 -6.44
N GLN A 120 26.87 7.01 -6.90
CA GLN A 120 27.96 6.11 -7.30
C GLN A 120 28.28 5.13 -6.21
N SER A 121 28.34 5.60 -4.97
CA SER A 121 28.80 4.76 -3.85
C SER A 121 27.67 3.97 -3.19
N LEU A 122 26.51 4.60 -3.03
CA LEU A 122 25.32 3.87 -2.57
C LEU A 122 25.00 2.70 -3.50
N MET A 123 24.82 2.99 -4.78
CA MET A 123 24.10 2.10 -5.69
C MET A 123 24.98 1.08 -6.39
N THR A 124 24.94 -0.16 -5.92
CA THR A 124 25.69 -1.26 -6.52
C THR A 124 24.78 -2.31 -7.19
N ARG A 125 25.40 -3.28 -7.87
CA ARG A 125 24.66 -4.36 -8.53
C ARG A 125 23.90 -5.21 -7.53
N ALA A 126 24.53 -5.50 -6.41
CA ALA A 126 23.91 -6.31 -5.36
C ALA A 126 22.64 -5.62 -4.83
N ARG A 127 22.72 -4.30 -4.64
CA ARG A 127 21.56 -3.54 -4.18
C ARG A 127 20.49 -3.47 -5.27
N ALA A 128 20.91 -3.20 -6.51
CA ALA A 128 19.98 -3.23 -7.68
C ALA A 128 19.15 -4.51 -7.68
N LYS A 129 19.81 -5.64 -7.46
CA LYS A 129 19.17 -6.94 -7.29
C LYS A 129 18.17 -7.03 -6.15
N VAL A 130 18.54 -6.52 -4.97
CA VAL A 130 17.66 -6.53 -3.82
C VAL A 130 16.45 -5.64 -4.16
N ILE A 131 16.71 -4.51 -4.84
CA ILE A 131 15.62 -3.61 -5.22
C ILE A 131 14.62 -4.36 -6.10
N ILE A 132 15.14 -5.07 -7.10
CA ILE A 132 14.27 -5.76 -8.05
C ILE A 132 13.46 -6.86 -7.36
N CYS A 133 14.09 -7.62 -6.47
CA CYS A 133 13.37 -8.66 -5.74
C CYS A 133 12.30 -8.08 -4.83
N THR A 134 12.63 -6.95 -4.19
CA THR A 134 11.68 -6.30 -3.32
C THR A 134 10.42 -5.88 -4.11
N VAL A 135 10.63 -5.33 -5.30
CA VAL A 135 9.51 -4.93 -6.13
C VAL A 135 8.61 -6.11 -6.49
N TRP A 136 9.20 -7.23 -6.90
CA TRP A 136 8.43 -8.45 -7.16
C TRP A 136 7.77 -9.06 -5.93
N ALA A 137 8.45 -9.00 -4.79
CA ALA A 137 7.91 -9.42 -3.49
C ALA A 137 6.61 -8.68 -3.21
N ILE A 138 6.71 -7.36 -3.21
CA ILE A 138 5.59 -6.45 -2.92
C ILE A 138 4.46 -6.65 -3.90
N SER A 139 4.81 -6.77 -5.18
CA SER A 139 3.81 -7.04 -6.21
C SER A 139 3.13 -8.37 -6.01
N ALA A 140 3.91 -9.42 -5.74
CA ALA A 140 3.36 -10.75 -5.45
C ALA A 140 2.39 -10.61 -4.28
N LEU A 141 2.82 -9.90 -3.26
CA LEU A 141 2.05 -9.78 -2.05
C LEU A 141 0.66 -9.18 -2.31
N VAL A 142 0.60 -8.14 -3.12
CA VAL A 142 -0.67 -7.44 -3.32
C VAL A 142 -1.48 -7.98 -4.48
N SER A 143 -0.97 -9.03 -5.15
CA SER A 143 -1.61 -9.64 -6.33
C SER A 143 -2.16 -11.01 -6.03
N PHE A 144 -1.24 -11.91 -5.66
CA PHE A 144 -1.59 -13.29 -5.36
C PHE A 144 -2.49 -13.45 -4.14
N LEU A 145 -2.11 -12.84 -3.03
CA LEU A 145 -2.71 -13.22 -1.78
C LEU A 145 -4.19 -12.84 -1.73
N PRO A 146 -4.54 -11.58 -2.04
CA PRO A 146 -5.96 -11.24 -2.02
C PRO A 146 -6.78 -11.99 -3.05
N ILE A 147 -6.15 -12.43 -4.14
CA ILE A 147 -6.93 -13.17 -5.12
C ILE A 147 -7.14 -14.60 -4.67
N MET A 148 -6.15 -15.17 -4.00
CA MET A 148 -6.23 -16.55 -3.53
C MET A 148 -7.03 -16.62 -2.23
N MET A 149 -7.16 -15.50 -1.52
CA MET A 149 -8.11 -15.39 -0.41
C MET A 149 -9.54 -15.01 -0.82
N HIS A 150 -9.84 -14.95 -2.12
CA HIS A 150 -11.20 -14.60 -2.56
C HIS A 150 -11.74 -13.28 -2.00
N TRP A 151 -10.86 -12.34 -1.65
CA TRP A 151 -11.30 -11.03 -1.16
C TRP A 151 -11.93 -10.19 -2.20
N TRP A 152 -11.80 -10.58 -3.45
CA TRP A 152 -12.37 -9.85 -4.55
C TRP A 152 -13.81 -10.23 -4.90
N ARG A 153 -14.37 -11.25 -4.25
CA ARG A 153 -15.64 -11.78 -4.69
C ARG A 153 -16.82 -10.97 -4.27
N ASP A 154 -17.85 -10.97 -5.13
CA ASP A 154 -19.05 -10.19 -4.91
C ASP A 154 -20.25 -11.10 -4.59
N GLU A 155 -21.22 -10.56 -3.87
CA GLU A 155 -22.41 -11.32 -3.47
C GLU A 155 -23.41 -11.33 -4.61
N ASP A 156 -23.34 -10.34 -5.51
CA ASP A 156 -24.33 -10.17 -6.55
C ASP A 156 -24.57 -11.50 -7.25
N PRO A 157 -25.84 -11.79 -7.57
CA PRO A 157 -26.21 -12.93 -8.43
C PRO A 157 -25.51 -13.03 -9.79
N GLN A 158 -25.38 -11.94 -10.56
CA GLN A 158 -24.54 -11.97 -11.78
C GLN A 158 -23.14 -12.54 -11.44
N ALA A 159 -22.51 -11.96 -10.41
CA ALA A 159 -21.19 -12.39 -9.94
C ALA A 159 -21.20 -13.85 -9.53
N LEU A 160 -22.21 -14.24 -8.76
CA LEU A 160 -22.37 -15.63 -8.32
C LEU A 160 -22.60 -16.56 -9.53
N LYS A 161 -23.41 -16.12 -10.52
CA LYS A 161 -23.58 -16.89 -11.76
C LYS A 161 -22.18 -17.22 -12.31
N CYS A 162 -21.36 -16.20 -12.52
CA CYS A 162 -20.05 -16.37 -13.11
C CYS A 162 -19.11 -17.28 -12.28
N TYR A 163 -19.17 -17.19 -10.95
CA TYR A 163 -18.24 -17.99 -10.14
C TYR A 163 -18.50 -19.49 -10.24
N GLN A 164 -19.76 -19.92 -10.23
CA GLN A 164 -20.02 -21.36 -10.34
C GLN A 164 -19.65 -21.86 -11.73
N ASP A 165 -19.89 -21.03 -12.74
CA ASP A 165 -19.66 -21.43 -14.13
C ASP A 165 -18.18 -21.51 -14.46
N PRO A 166 -17.71 -22.73 -14.70
CA PRO A 166 -16.32 -22.97 -15.06
C PRO A 166 -15.88 -22.34 -16.40
N GLY A 167 -16.81 -22.10 -17.31
CA GLY A 167 -16.48 -21.40 -18.54
C GLY A 167 -16.39 -19.91 -18.41
N CYS A 168 -16.89 -19.32 -17.33
CA CYS A 168 -16.77 -17.87 -17.08
C CYS A 168 -15.51 -17.57 -16.29
N CYS A 169 -14.62 -16.77 -16.87
CA CYS A 169 -13.48 -16.24 -16.13
C CYS A 169 -13.46 -14.74 -16.26
N ASP A 170 -14.57 -14.09 -15.93
CA ASP A 170 -14.62 -12.64 -15.83
C ASP A 170 -14.10 -12.25 -14.46
N PHE A 171 -13.29 -11.21 -14.41
CA PHE A 171 -12.76 -10.79 -13.13
C PHE A 171 -13.76 -9.80 -12.57
N VAL A 172 -14.90 -10.34 -12.14
CA VAL A 172 -16.01 -9.57 -11.59
C VAL A 172 -15.74 -9.45 -10.10
N THR A 173 -15.51 -8.24 -9.61
CA THR A 173 -15.10 -8.09 -8.22
C THR A 173 -16.07 -7.23 -7.47
N ASN A 174 -16.01 -7.32 -6.15
CA ASN A 174 -16.72 -6.35 -5.32
C ASN A 174 -16.11 -4.95 -5.41
N ARG A 175 -16.83 -3.95 -4.95
CA ARG A 175 -16.38 -2.57 -5.02
C ARG A 175 -15.20 -2.23 -4.13
N ALA A 176 -15.12 -2.80 -2.92
CA ALA A 176 -14.03 -2.46 -2.02
C ALA A 176 -12.68 -2.87 -2.65
N TYR A 177 -12.65 -4.10 -3.19
CA TYR A 177 -11.46 -4.62 -3.85
C TYR A 177 -11.16 -3.77 -5.10
N ALA A 178 -12.17 -3.46 -5.90
CA ALA A 178 -11.94 -2.69 -7.13
C ALA A 178 -11.22 -1.37 -6.79
N ILE A 179 -11.71 -0.65 -5.80
CA ILE A 179 -11.05 0.60 -5.38
C ILE A 179 -9.69 0.33 -4.71
N ALA A 180 -9.61 -0.64 -3.79
CA ALA A 180 -8.41 -0.90 -2.98
C ALA A 180 -7.26 -1.33 -3.84
N SER A 181 -7.58 -2.31 -4.65
CA SER A 181 -6.64 -2.95 -5.57
C SER A 181 -6.09 -1.96 -6.58
N SER A 182 -6.96 -1.08 -7.04
CA SER A 182 -6.57 -0.13 -8.04
C SER A 182 -5.62 0.87 -7.43
N ILE A 183 -6.01 1.43 -6.28
CA ILE A 183 -5.14 2.35 -5.54
C ILE A 183 -3.79 1.71 -5.20
N ILE A 184 -3.80 0.47 -4.69
CA ILE A 184 -2.56 -0.14 -4.23
C ILE A 184 -1.66 -0.61 -5.37
N SER A 185 -2.25 -1.30 -6.35
CA SER A 185 -1.47 -1.75 -7.50
C SER A 185 -1.13 -0.66 -8.49
N PHE A 186 -1.96 0.37 -8.64
CA PHE A 186 -1.80 1.27 -9.78
C PHE A 186 -1.74 2.76 -9.48
N TYR A 187 -2.75 3.31 -8.82
CA TYR A 187 -2.81 4.76 -8.65
C TYR A 187 -1.69 5.29 -7.78
N ILE A 188 -1.39 4.65 -6.67
CA ILE A 188 -0.33 5.17 -5.81
C ILE A 188 1.01 5.16 -6.53
N PRO A 189 1.42 4.00 -7.07
CA PRO A 189 2.69 4.04 -7.78
C PRO A 189 2.69 5.00 -8.97
N LEU A 190 1.55 5.21 -9.62
CA LEU A 190 1.47 6.17 -10.74
C LEU A 190 1.77 7.60 -10.26
N LEU A 191 1.13 8.01 -9.16
CA LEU A 191 1.35 9.35 -8.62
C LEU A 191 2.80 9.54 -8.16
N ILE A 192 3.42 8.49 -7.61
CA ILE A 192 4.82 8.53 -7.23
C ILE A 192 5.75 8.72 -8.43
N MET A 193 5.49 7.96 -9.49
CA MET A 193 6.25 8.02 -10.73
C MET A 193 6.10 9.37 -11.44
N ILE A 194 4.86 9.89 -11.53
CA ILE A 194 4.63 11.23 -12.13
C ILE A 194 5.31 12.33 -11.29
N PHE A 195 5.19 12.26 -9.97
CA PHE A 195 5.82 13.24 -9.12
C PHE A 195 7.34 13.24 -9.30
N VAL A 196 7.96 12.06 -9.24
CA VAL A 196 9.41 11.95 -9.37
C VAL A 196 9.88 12.23 -10.79
N ALA A 197 9.07 11.88 -11.78
CA ALA A 197 9.42 12.12 -13.18
C ALA A 197 9.45 13.62 -13.48
N LEU A 198 8.51 14.38 -12.92
CA LEU A 198 8.52 15.83 -13.09
C LEU A 198 9.74 16.45 -12.42
N ARG A 199 10.11 15.97 -11.23
CA ARG A 199 11.30 16.51 -10.56
C ARG A 199 12.57 16.25 -11.37
N VAL A 200 12.65 15.08 -12.03
CA VAL A 200 13.81 14.74 -12.84
C VAL A 200 13.85 15.68 -14.03
N TYR A 201 12.69 16.01 -14.56
CA TYR A 201 12.59 16.96 -15.67
C TYR A 201 13.18 18.31 -15.25
N ARG A 202 12.67 18.85 -14.15
CA ARG A 202 13.15 20.12 -13.61
C ARG A 202 14.67 20.14 -13.40
N GLU A 203 15.24 19.08 -12.83
CA GLU A 203 16.68 19.01 -12.58
C GLU A 203 17.49 18.88 -13.86
N ALA A 204 16.90 18.26 -14.87
CA ALA A 204 17.52 18.16 -16.18
C ALA A 204 17.58 19.52 -16.88
N LYS A 205 16.54 20.34 -16.70
CA LYS A 205 16.49 21.69 -17.26
C LYS A 205 17.51 22.62 -16.60
N GLU A 206 17.71 22.47 -15.29
CA GLU A 206 18.72 23.25 -14.57
C GLU A 206 20.15 22.82 -14.89
N GLN A 207 20.32 21.64 -15.47
CA GLN A 207 21.62 21.22 -15.99
C GLN A 207 21.87 21.92 -17.33
N MET A 223 27.83 15.16 -24.25
CA MET A 223 27.54 14.15 -23.23
C MET A 223 26.25 14.46 -22.48
N LEU A 224 25.93 15.74 -22.34
CA LEU A 224 24.67 16.15 -21.72
C LEU A 224 23.49 15.82 -22.65
N MET A 225 23.59 16.16 -23.95
CA MET A 225 22.52 15.85 -24.92
C MET A 225 22.27 14.34 -25.02
N ARG A 226 23.34 13.54 -24.93
CA ARG A 226 23.22 12.08 -24.95
C ARG A 226 22.51 11.52 -23.71
N GLU A 227 22.86 12.03 -22.53
CA GLU A 227 22.20 11.64 -21.29
C GLU A 227 20.73 11.97 -21.36
N HIS A 228 20.41 13.22 -21.72
CA HIS A 228 19.02 13.66 -21.83
C HIS A 228 18.26 12.86 -22.82
N LYS A 229 18.89 12.46 -23.91
CA LYS A 229 18.21 11.62 -24.90
C LYS A 229 17.79 10.26 -24.30
N ALA A 230 18.63 9.69 -23.45
CA ALA A 230 18.26 8.45 -22.72
C ALA A 230 17.17 8.70 -21.66
N LEU A 231 17.22 9.85 -20.97
CA LEU A 231 16.15 10.22 -20.05
C LEU A 231 14.82 10.33 -20.78
N LYS A 232 14.84 11.00 -21.92
CA LYS A 232 13.65 11.18 -22.74
C LYS A 232 13.09 9.82 -23.17
N THR A 233 13.98 8.85 -23.45
CA THR A 233 13.52 7.50 -23.75
C THR A 233 12.75 6.93 -22.55
N LEU A 234 13.33 7.03 -21.35
CA LEU A 234 12.64 6.58 -20.14
C LEU A 234 11.32 7.32 -19.95
N GLY A 235 11.34 8.62 -20.18
CA GLY A 235 10.12 9.40 -20.12
C GLY A 235 9.07 8.86 -21.07
N ILE A 236 9.49 8.41 -22.25
CA ILE A 236 8.52 7.89 -23.23
C ILE A 236 7.93 6.55 -22.82
N ILE A 237 8.73 5.64 -22.27
CA ILE A 237 8.18 4.38 -21.81
C ILE A 237 7.20 4.62 -20.63
N MET A 238 7.50 5.60 -19.76
CA MET A 238 6.60 5.97 -18.68
C MET A 238 5.26 6.57 -19.16
N GLY A 239 5.32 7.47 -20.14
CA GLY A 239 4.12 8.10 -20.67
C GLY A 239 3.26 7.14 -21.47
N VAL A 240 3.89 6.32 -22.29
CA VAL A 240 3.13 5.35 -23.07
C VAL A 240 2.47 4.29 -22.15
N PHE A 241 3.16 3.91 -21.06
CA PHE A 241 2.58 3.01 -20.06
C PHE A 241 1.32 3.65 -19.48
N THR A 242 1.46 4.89 -19.05
CA THR A 242 0.32 5.61 -18.49
C THR A 242 -0.83 5.67 -19.48
N LEU A 243 -0.54 6.08 -20.71
CA LEU A 243 -1.58 6.12 -21.74
C LEU A 243 -2.26 4.78 -21.98
N CYS A 244 -1.48 3.70 -21.97
CA CYS A 244 -2.03 2.38 -22.21
C CYS A 244 -2.88 1.79 -21.08
N TRP A 245 -2.55 2.10 -19.82
CA TRP A 245 -3.27 1.54 -18.65
C TRP A 245 -4.20 2.47 -17.92
N LEU A 246 -3.92 3.77 -17.93
CA LEU A 246 -4.84 4.72 -17.30
C LEU A 246 -6.31 4.57 -17.72
N PRO A 247 -6.61 4.56 -19.03
CA PRO A 247 -8.03 4.38 -19.41
C PRO A 247 -8.74 3.18 -18.77
N PHE A 248 -8.12 2.00 -18.84
CA PHE A 248 -8.65 0.83 -18.13
C PHE A 248 -8.94 1.09 -16.63
N PHE A 249 -7.98 1.67 -15.93
CA PHE A 249 -8.14 1.89 -14.51
C PHE A 249 -9.06 3.03 -14.16
N LEU A 250 -9.26 3.98 -15.07
CA LEU A 250 -10.26 5.04 -14.87
C LEU A 250 -11.64 4.43 -14.99
N VAL A 251 -11.84 3.65 -16.04
CA VAL A 251 -13.10 2.92 -16.24
C VAL A 251 -13.40 1.96 -15.10
N ASN A 252 -12.38 1.30 -14.56
CA ASN A 252 -12.57 0.43 -13.40
C ASN A 252 -13.23 1.15 -12.22
N ILE A 253 -12.75 2.35 -11.92
CA ILE A 253 -13.33 3.16 -10.86
C ILE A 253 -14.74 3.65 -11.25
N VAL A 254 -14.89 4.18 -12.47
CA VAL A 254 -16.19 4.68 -12.92
C VAL A 254 -17.26 3.61 -12.77
N ASN A 255 -16.96 2.39 -13.16
CA ASN A 255 -17.89 1.28 -12.96
C ASN A 255 -18.35 1.08 -11.53
N VAL A 256 -17.49 1.33 -10.56
CA VAL A 256 -17.87 1.16 -9.18
C VAL A 256 -19.08 2.05 -8.86
N PHE A 257 -19.12 3.23 -9.47
CA PHE A 257 -20.14 4.24 -9.19
C PHE A 257 -21.34 4.21 -10.15
N ASN A 258 -21.14 3.70 -11.36
CA ASN A 258 -22.19 3.68 -12.38
C ASN A 258 -21.89 2.66 -13.47
N ARG A 259 -22.48 1.47 -13.34
CA ARG A 259 -22.16 0.35 -14.23
C ARG A 259 -22.37 0.69 -15.73
N ASP A 260 -23.26 1.65 -16.03
CA ASP A 260 -23.84 1.82 -17.37
C ASP A 260 -23.29 2.99 -18.20
N LEU A 261 -22.79 4.00 -17.52
CA LEU A 261 -22.20 5.19 -18.15
C LEU A 261 -20.99 4.98 -19.11
N VAL A 262 -20.30 3.82 -19.07
CA VAL A 262 -19.25 3.49 -20.08
C VAL A 262 -19.52 2.11 -20.68
N PRO A 263 -19.54 2.00 -22.02
CA PRO A 263 -19.92 0.73 -22.66
C PRO A 263 -18.91 -0.40 -22.46
N ASP A 264 -19.43 -1.60 -22.18
CA ASP A 264 -18.60 -2.74 -21.81
C ASP A 264 -17.48 -3.05 -22.80
N TRP A 265 -17.75 -2.95 -24.10
CA TRP A 265 -16.73 -3.37 -25.09
C TRP A 265 -15.52 -2.45 -25.11
N LEU A 266 -15.73 -1.19 -24.77
CA LEU A 266 -14.65 -0.23 -24.56
C LEU A 266 -13.87 -0.48 -23.22
N PHE A 267 -14.49 -1.13 -22.24
CA PHE A 267 -13.78 -1.63 -21.06
C PHE A 267 -12.88 -2.76 -21.48
N VAL A 268 -13.35 -3.63 -22.38
CA VAL A 268 -12.51 -4.70 -22.95
C VAL A 268 -11.35 -4.15 -23.80
N ALA A 269 -11.64 -3.10 -24.57
CA ALA A 269 -10.67 -2.50 -25.50
C ALA A 269 -9.52 -1.91 -24.71
N PHE A 270 -9.87 -1.13 -23.71
CA PHE A 270 -8.86 -0.65 -22.79
C PHE A 270 -8.02 -1.73 -22.10
N ASN A 271 -8.59 -2.90 -21.83
CA ASN A 271 -7.78 -3.97 -21.26
C ASN A 271 -6.74 -4.39 -22.28
N TRP A 272 -7.18 -4.62 -23.51
CA TRP A 272 -6.26 -5.02 -24.59
C TRP A 272 -5.28 -3.93 -24.98
N LEU A 273 -5.67 -2.68 -24.80
CA LEU A 273 -4.70 -1.61 -24.97
C LEU A 273 -3.57 -1.80 -23.97
N GLY A 274 -3.95 -2.13 -22.74
CA GLY A 274 -2.99 -2.41 -21.67
C GLY A 274 -2.08 -3.57 -22.04
N TYR A 275 -2.64 -4.69 -22.45
CA TYR A 275 -1.80 -5.82 -22.84
C TYR A 275 -0.84 -5.40 -23.98
N ALA A 276 -1.33 -4.64 -24.95
CA ALA A 276 -0.50 -4.23 -26.10
C ALA A 276 0.74 -3.38 -25.70
N ASN A 277 0.69 -2.75 -24.53
CA ASN A 277 1.86 -2.04 -23.98
C ASN A 277 3.08 -2.91 -23.87
N SER A 278 2.90 -4.22 -23.66
CA SER A 278 4.03 -5.13 -23.47
C SER A 278 4.86 -5.36 -24.72
N ALA A 279 4.32 -4.95 -25.87
CA ALA A 279 4.99 -5.07 -27.17
C ALA A 279 5.67 -3.77 -27.56
N MET A 280 5.47 -2.73 -26.77
CA MET A 280 5.91 -1.40 -27.15
C MET A 280 7.34 -1.07 -26.74
N ASN A 281 7.78 -1.46 -25.55
CA ASN A 281 9.09 -0.98 -25.05
C ASN A 281 10.29 -1.36 -25.93
N PRO A 282 10.31 -2.60 -26.46
CA PRO A 282 11.38 -2.96 -27.37
C PRO A 282 11.47 -2.05 -28.58
N ILE A 283 10.33 -1.66 -29.14
CA ILE A 283 10.33 -0.72 -30.25
C ILE A 283 10.89 0.62 -29.78
N ILE A 284 10.37 1.14 -28.67
CA ILE A 284 10.81 2.43 -28.15
C ILE A 284 12.31 2.48 -27.84
N TYR A 285 12.90 1.34 -27.44
CA TYR A 285 14.35 1.28 -27.17
C TYR A 285 15.20 1.37 -28.43
N CYS A 286 14.59 1.22 -29.60
CA CYS A 286 15.28 1.49 -30.86
C CYS A 286 15.66 2.96 -31.03
N ARG A 287 15.17 3.85 -30.18
CA ARG A 287 15.71 5.21 -30.13
C ARG A 287 17.20 5.28 -29.79
N SER A 288 17.71 4.23 -29.14
CA SER A 288 19.08 4.15 -28.71
C SER A 288 19.92 3.39 -29.72
N PRO A 289 21.06 4.00 -30.19
CA PRO A 289 22.03 3.34 -31.08
C PRO A 289 22.51 2.00 -30.52
N ASP A 290 22.90 2.01 -29.24
CA ASP A 290 23.43 0.82 -28.56
C ASP A 290 22.48 -0.38 -28.60
N PHE A 291 21.19 -0.12 -28.35
CA PHE A 291 20.15 -1.15 -28.44
C PHE A 291 19.93 -1.60 -29.87
N ARG A 292 19.81 -0.62 -30.77
CA ARG A 292 19.62 -0.85 -32.21
C ARG A 292 20.74 -1.75 -32.78
N LYS A 293 21.98 -1.46 -32.40
CA LYS A 293 23.13 -2.28 -32.81
C LYS A 293 23.07 -3.71 -32.28
N ALA A 294 22.81 -3.86 -30.97
CA ALA A 294 22.71 -5.18 -30.35
C ALA A 294 21.54 -6.01 -30.89
N PHE A 295 20.45 -5.32 -31.30
CA PHE A 295 19.30 -5.98 -31.94
C PHE A 295 19.68 -6.52 -33.32
N LYS A 296 20.36 -5.69 -34.11
CA LYS A 296 20.80 -6.10 -35.45
C LYS A 296 21.76 -7.28 -35.33
N ARG A 297 22.78 -7.13 -34.49
CA ARG A 297 23.72 -8.22 -34.23
C ARG A 297 23.01 -9.52 -33.85
N LEU A 298 22.11 -9.45 -32.88
CA LEU A 298 21.46 -10.65 -32.38
C LEU A 298 20.61 -11.34 -33.45
N LEU A 299 19.92 -10.56 -34.26
CA LEU A 299 19.15 -11.13 -35.36
C LEU A 299 20.07 -11.50 -36.51
N GLY B 2 23.00 -7.29 46.43
CA GLY B 2 23.79 -6.28 45.67
C GLY B 2 23.14 -6.03 44.32
N ALA B 3 23.70 -6.63 43.26
CA ALA B 3 23.02 -6.70 41.96
C ALA B 3 21.70 -7.47 42.12
N GLU B 4 21.75 -8.60 42.83
CA GLU B 4 20.55 -9.39 43.09
C GLU B 4 19.40 -8.52 43.60
N LEU B 5 19.70 -7.58 44.48
CA LEU B 5 18.68 -6.68 45.06
C LEU B 5 18.26 -5.60 44.08
N LEU B 6 19.20 -5.21 43.21
CA LEU B 6 18.98 -4.15 42.22
C LEU B 6 18.09 -4.64 41.10
N SER B 7 18.09 -5.95 40.87
CA SER B 7 17.27 -6.52 39.84
C SER B 7 15.87 -6.77 40.39
N GLN B 8 15.79 -7.12 41.67
CA GLN B 8 14.52 -7.30 42.36
C GLN B 8 13.74 -5.98 42.50
N GLN B 9 14.46 -4.88 42.63
CA GLN B 9 13.84 -3.59 42.71
C GLN B 9 13.27 -3.28 41.35
N TRP B 10 14.09 -3.49 40.33
CA TRP B 10 13.69 -3.16 38.98
C TRP B 10 12.56 -4.04 38.50
N GLU B 11 12.64 -5.35 38.71
CA GLU B 11 11.55 -6.22 38.24
C GLU B 11 10.19 -5.88 38.83
N ALA B 12 10.11 -5.81 40.16
CA ALA B 12 8.88 -5.44 40.88
C ALA B 12 8.39 -4.07 40.42
N GLY B 13 9.30 -3.11 40.35
CA GLY B 13 8.90 -1.77 40.01
C GLY B 13 8.30 -1.69 38.62
N MET B 14 9.03 -2.16 37.62
CA MET B 14 8.54 -2.08 36.24
C MET B 14 7.31 -2.98 36.04
N SER B 15 7.25 -4.11 36.71
CA SER B 15 6.02 -4.90 36.65
C SER B 15 4.83 -4.04 37.05
N LEU B 16 4.96 -3.26 38.12
CA LEU B 16 3.89 -2.29 38.47
C LEU B 16 3.66 -1.27 37.37
N LEU B 17 4.72 -0.60 36.94
CA LEU B 17 4.58 0.44 35.92
C LEU B 17 3.92 -0.14 34.66
N MET B 18 4.40 -1.30 34.23
CA MET B 18 3.83 -1.98 33.08
C MET B 18 2.37 -2.35 33.34
N ALA B 19 2.03 -2.81 34.53
CA ALA B 19 0.63 -3.13 34.86
C ALA B 19 -0.26 -1.89 34.79
N LEU B 20 0.24 -0.74 35.26
CA LEU B 20 -0.49 0.51 35.14
C LEU B 20 -0.76 0.85 33.64
N VAL B 21 0.28 0.80 32.81
CA VAL B 21 0.12 1.12 31.41
C VAL B 21 -0.95 0.22 30.76
N VAL B 22 -0.86 -1.08 31.04
CA VAL B 22 -1.78 -2.05 30.47
C VAL B 22 -3.20 -1.77 30.88
N LEU B 23 -3.37 -1.41 32.14
CA LEU B 23 -4.68 -1.13 32.74
C LEU B 23 -5.27 0.14 32.15
N LEU B 24 -4.41 1.13 31.96
CA LEU B 24 -4.82 2.40 31.38
C LEU B 24 -5.27 2.13 29.93
N ILE B 25 -4.45 1.45 29.14
CA ILE B 25 -4.79 1.21 27.74
C ILE B 25 -6.08 0.41 27.63
N VAL B 26 -6.21 -0.63 28.45
CA VAL B 26 -7.40 -1.50 28.37
C VAL B 26 -8.66 -0.81 28.90
N ALA B 27 -8.61 -0.26 30.10
CA ALA B 27 -9.77 0.42 30.69
C ALA B 27 -10.29 1.52 29.76
N GLY B 28 -9.37 2.38 29.32
CA GLY B 28 -9.71 3.52 28.45
C GLY B 28 -10.44 3.08 27.18
N ASN B 29 -9.95 2.04 26.53
CA ASN B 29 -10.46 1.68 25.21
C ASN B 29 -11.70 0.82 25.29
N VAL B 30 -11.82 0.00 26.34
CA VAL B 30 -13.10 -0.65 26.66
C VAL B 30 -14.16 0.43 26.92
N LEU B 31 -13.81 1.46 27.69
CA LEU B 31 -14.74 2.56 27.92
C LEU B 31 -15.19 3.23 26.63
N VAL B 32 -14.26 3.48 25.71
CA VAL B 32 -14.61 4.07 24.41
C VAL B 32 -15.57 3.17 23.65
N ILE B 33 -15.29 1.87 23.63
CA ILE B 33 -16.12 0.90 22.89
C ILE B 33 -17.49 0.77 23.53
N ALA B 34 -17.53 0.56 24.84
CA ALA B 34 -18.79 0.50 25.59
C ALA B 34 -19.63 1.79 25.47
N ALA B 35 -18.98 2.94 25.51
CA ALA B 35 -19.68 4.24 25.33
C ALA B 35 -20.42 4.33 24.00
N ILE B 36 -19.68 4.13 22.91
CA ILE B 36 -20.24 4.14 21.54
C ILE B 36 -21.28 3.03 21.33
N GLY B 37 -21.12 1.90 21.99
CA GLY B 37 -22.01 0.75 21.78
C GLY B 37 -23.30 0.84 22.57
N SER B 38 -23.37 1.78 23.51
CA SER B 38 -24.50 1.88 24.43
C SER B 38 -25.16 3.25 24.42
N THR B 39 -24.72 4.16 23.57
CA THR B 39 -25.26 5.53 23.56
C THR B 39 -25.72 5.92 22.15
N GLN B 40 -27.04 5.93 21.93
CA GLN B 40 -27.65 6.19 20.61
C GLN B 40 -27.12 7.46 19.96
N ARG B 41 -26.70 8.41 20.78
CA ARG B 41 -26.17 9.67 20.30
C ARG B 41 -24.72 9.61 19.77
N LEU B 42 -23.92 8.66 20.26
CA LEU B 42 -22.55 8.48 19.81
C LEU B 42 -22.44 7.44 18.68
N GLN B 43 -23.56 6.88 18.26
CA GLN B 43 -23.57 5.86 17.20
C GLN B 43 -23.61 6.48 15.81
N THR B 44 -22.78 7.49 15.59
CA THR B 44 -22.52 8.01 14.26
C THR B 44 -21.58 7.08 13.44
N LEU B 45 -21.62 7.21 12.11
CA LEU B 45 -20.74 6.42 11.24
C LEU B 45 -19.27 6.69 11.54
N THR B 46 -18.92 7.95 11.76
CA THR B 46 -17.55 8.33 12.12
C THR B 46 -17.10 7.57 13.35
N ASN B 47 -18.01 7.35 14.29
CA ASN B 47 -17.66 6.64 15.52
C ASN B 47 -17.50 5.14 15.33
N LEU B 48 -18.00 4.59 14.22
CA LEU B 48 -17.65 3.22 13.88
C LEU B 48 -16.14 3.16 13.61
N PHE B 49 -15.60 4.20 12.96
CA PHE B 49 -14.19 4.25 12.66
C PHE B 49 -13.40 4.42 13.95
N ILE B 50 -13.91 5.22 14.86
CA ILE B 50 -13.27 5.37 16.17
C ILE B 50 -13.22 4.06 16.93
N THR B 51 -14.25 3.22 16.78
CA THR B 51 -14.30 1.93 17.46
C THR B 51 -13.19 1.02 16.97
N SER B 52 -12.98 1.04 15.65
CA SER B 52 -11.94 0.28 14.97
C SER B 52 -10.57 0.66 15.51
N LEU B 53 -10.40 1.95 15.76
CA LEU B 53 -9.17 2.51 16.32
C LEU B 53 -8.98 2.10 17.79
N ALA B 54 -10.08 2.06 18.53
CA ALA B 54 -10.10 1.53 19.89
C ALA B 54 -9.75 0.05 19.91
N CYS B 55 -10.19 -0.71 18.91
CA CYS B 55 -9.86 -2.15 18.83
C CYS B 55 -8.37 -2.39 18.58
N ALA B 56 -7.76 -1.53 17.76
CA ALA B 56 -6.32 -1.54 17.52
C ALA B 56 -5.57 -1.28 18.80
N ASP B 57 -6.03 -0.29 19.56
CA ASP B 57 -5.39 0.04 20.84
C ASP B 57 -5.65 -1.02 21.91
N LEU B 58 -6.84 -1.59 21.93
CA LEU B 58 -7.13 -2.70 22.84
C LEU B 58 -6.23 -3.92 22.58
N VAL B 59 -5.98 -4.22 21.31
CA VAL B 59 -5.09 -5.32 20.96
C VAL B 59 -3.67 -4.98 21.44
N VAL B 60 -3.29 -3.72 21.36
CA VAL B 60 -1.97 -3.33 21.87
C VAL B 60 -1.86 -3.53 23.39
N GLY B 61 -2.93 -3.20 24.12
CA GLY B 61 -2.96 -3.35 25.57
C GLY B 61 -3.08 -4.79 26.05
N LEU B 62 -3.74 -5.64 25.28
CA LEU B 62 -4.00 -7.02 25.71
C LEU B 62 -2.89 -7.99 25.30
N LEU B 63 -2.23 -7.71 24.18
CA LEU B 63 -1.26 -8.66 23.63
C LEU B 63 0.07 -8.01 23.36
N VAL B 64 0.10 -6.84 22.72
CA VAL B 64 1.39 -6.30 22.32
C VAL B 64 2.16 -5.89 23.57
N VAL B 65 1.58 -5.03 24.40
CA VAL B 65 2.30 -4.47 25.56
C VAL B 65 2.64 -5.51 26.66
N PRO B 66 1.71 -6.36 27.06
CA PRO B 66 2.06 -7.39 28.03
C PRO B 66 3.31 -8.15 27.66
N PHE B 67 3.39 -8.61 26.41
CA PHE B 67 4.53 -9.41 25.94
C PHE B 67 5.80 -8.60 25.93
N GLY B 68 5.73 -7.36 25.43
CA GLY B 68 6.88 -6.50 25.43
C GLY B 68 7.27 -6.05 26.82
N ALA B 69 6.33 -6.11 27.76
CA ALA B 69 6.61 -5.87 29.17
C ALA B 69 7.49 -6.99 29.69
N THR B 70 7.04 -8.24 29.50
CA THR B 70 7.83 -9.39 29.97
C THR B 70 9.27 -9.31 29.48
N LEU B 71 9.48 -8.73 28.30
CA LEU B 71 10.82 -8.57 27.73
C LEU B 71 11.61 -7.46 28.43
N VAL B 72 10.96 -6.35 28.67
CA VAL B 72 11.61 -5.24 29.36
C VAL B 72 11.92 -5.66 30.81
N VAL B 73 10.95 -6.26 31.48
CA VAL B 73 11.10 -6.67 32.87
C VAL B 73 12.18 -7.73 33.08
N ARG B 74 12.33 -8.67 32.14
CA ARG B 74 13.30 -9.77 32.32
C ARG B 74 14.52 -9.74 31.42
N GLY B 75 14.61 -8.78 30.51
CA GLY B 75 15.77 -8.71 29.61
C GLY B 75 15.87 -9.78 28.52
N THR B 76 14.93 -10.73 28.47
CA THR B 76 14.95 -11.77 27.43
C THR B 76 13.55 -12.15 27.01
N TRP B 77 13.46 -12.76 25.84
CA TRP B 77 12.22 -13.30 25.34
C TRP B 77 12.00 -14.67 25.93
N LEU B 78 10.90 -14.87 26.64
CA LEU B 78 10.64 -16.16 27.28
C LEU B 78 9.63 -17.07 26.57
N TRP B 79 9.09 -16.68 25.40
CA TRP B 79 7.89 -17.37 24.89
C TRP B 79 8.11 -18.17 23.65
N GLY B 80 9.34 -18.28 23.21
CA GLY B 80 9.64 -19.10 22.04
C GLY B 80 9.54 -18.33 20.74
N SER B 81 10.08 -18.92 19.68
CA SER B 81 10.26 -18.21 18.41
C SER B 81 8.96 -18.00 17.61
N PHE B 82 7.99 -18.91 17.71
CA PHE B 82 6.71 -18.71 17.02
C PHE B 82 6.00 -17.48 17.60
N LEU B 83 5.81 -17.48 18.92
CA LEU B 83 5.13 -16.38 19.58
C LEU B 83 5.89 -15.05 19.43
N CYS B 84 7.19 -15.13 19.21
CA CYS B 84 7.96 -13.91 18.97
C CYS B 84 7.59 -13.27 17.63
N GLU B 85 7.45 -14.12 16.61
CA GLU B 85 7.01 -13.70 15.29
C GLU B 85 5.54 -13.31 15.29
N LEU B 86 4.68 -14.08 15.97
CA LEU B 86 3.28 -13.69 16.08
C LEU B 86 3.17 -12.29 16.69
N TRP B 87 3.85 -12.10 17.81
CA TRP B 87 3.83 -10.85 18.55
C TRP B 87 4.32 -9.70 17.74
N THR B 88 5.48 -9.83 17.11
CA THR B 88 5.94 -8.79 16.16
C THR B 88 4.92 -8.46 15.06
N SER B 89 4.28 -9.49 14.47
CA SER B 89 3.19 -9.33 13.48
C SER B 89 2.06 -8.48 14.01
N LEU B 90 1.56 -8.82 15.19
CA LEU B 90 0.46 -8.08 15.81
C LEU B 90 0.83 -6.62 16.12
N ASP B 91 2.10 -6.41 16.46
CA ASP B 91 2.63 -5.09 16.69
C ASP B 91 2.58 -4.31 15.37
N VAL B 92 3.22 -4.82 14.32
CA VAL B 92 3.13 -4.16 13.00
C VAL B 92 1.68 -3.96 12.54
N LEU B 93 0.80 -4.94 12.78
CA LEU B 93 -0.60 -4.84 12.34
C LEU B 93 -1.32 -3.66 12.94
N CYS B 94 -1.12 -3.47 14.23
CA CYS B 94 -1.85 -2.46 14.97
C CYS B 94 -1.47 -1.04 14.59
N VAL B 95 -0.19 -0.79 14.38
CA VAL B 95 0.26 0.51 13.90
C VAL B 95 -0.29 0.79 12.50
N THR B 96 -0.20 -0.20 11.63
CA THR B 96 -0.70 -0.07 10.26
C THR B 96 -2.18 0.16 10.22
N ALA B 97 -2.93 -0.59 11.04
CA ALA B 97 -4.39 -0.47 11.06
C ALA B 97 -4.82 0.87 11.62
N SER B 98 -4.08 1.38 12.61
CA SER B 98 -4.35 2.64 13.27
C SER B 98 -4.24 3.78 12.28
N ILE B 99 -3.07 3.92 11.67
CA ILE B 99 -2.82 5.01 10.72
C ILE B 99 -3.73 4.94 9.48
N GLU B 100 -4.05 3.74 9.01
CA GLU B 100 -4.95 3.59 7.87
C GLU B 100 -6.36 4.03 8.24
N THR B 101 -6.79 3.68 9.46
CA THR B 101 -8.08 4.10 9.98
C THR B 101 -8.11 5.61 10.12
N LEU B 102 -7.02 6.21 10.60
CA LEU B 102 -6.97 7.67 10.72
C LEU B 102 -7.13 8.35 9.36
N CYS B 103 -6.58 7.77 8.29
CA CYS B 103 -6.80 8.33 6.92
C CYS B 103 -8.22 8.22 6.48
N VAL B 104 -8.84 7.11 6.84
CA VAL B 104 -10.21 6.92 6.47
C VAL B 104 -11.07 7.97 7.15
N ILE B 105 -10.81 8.17 8.44
CA ILE B 105 -11.49 9.23 9.23
C ILE B 105 -11.30 10.58 8.56
N ALA B 106 -10.08 10.92 8.18
CA ALA B 106 -9.82 12.21 7.59
C ALA B 106 -10.60 12.33 6.28
N ILE B 107 -10.62 11.27 5.48
CA ILE B 107 -11.34 11.28 4.20
C ILE B 107 -12.84 11.39 4.45
N ASP B 108 -13.36 10.63 5.41
CA ASP B 108 -14.77 10.66 5.79
C ASP B 108 -15.23 12.08 6.10
N ARG B 109 -14.43 12.80 6.89
CA ARG B 109 -14.78 14.17 7.25
C ARG B 109 -14.65 15.11 6.05
N TYR B 110 -13.66 14.88 5.19
CA TYR B 110 -13.52 15.67 3.99
C TYR B 110 -14.78 15.55 3.15
N LEU B 111 -15.24 14.31 2.92
CA LEU B 111 -16.47 14.10 2.16
C LEU B 111 -17.69 14.68 2.86
N ALA B 112 -17.77 14.53 4.18
CA ALA B 112 -18.86 15.12 4.94
C ALA B 112 -18.89 16.65 4.78
N ILE B 113 -17.73 17.30 4.75
CA ILE B 113 -17.68 18.76 4.80
C ILE B 113 -17.91 19.40 3.42
N THR B 114 -17.39 18.79 2.37
CA THR B 114 -17.44 19.42 1.08
C THR B 114 -18.66 18.98 0.30
N SER B 115 -19.19 17.80 0.59
CA SER B 115 -20.37 17.35 -0.09
C SER B 115 -21.33 16.59 0.83
N PRO B 116 -21.94 17.30 1.80
CA PRO B 116 -22.74 16.67 2.85
C PRO B 116 -23.90 15.85 2.38
N PHE B 117 -24.46 16.16 1.21
CA PHE B 117 -25.69 15.47 0.75
C PHE B 117 -25.33 14.23 -0.02
N ARG B 118 -24.36 14.37 -0.91
CA ARG B 118 -23.76 13.22 -1.55
C ARG B 118 -23.32 12.24 -0.45
N TYR B 119 -22.65 12.78 0.57
CA TYR B 119 -22.19 12.04 1.73
C TYR B 119 -23.32 11.30 2.42
N GLN B 120 -24.43 11.99 2.62
CA GLN B 120 -25.58 11.38 3.28
C GLN B 120 -26.07 10.12 2.58
N SER B 121 -26.10 10.15 1.25
CA SER B 121 -26.66 9.05 0.50
C SER B 121 -25.64 7.96 0.23
N LEU B 122 -24.41 8.34 -0.16
CA LEU B 122 -23.34 7.36 -0.34
C LEU B 122 -23.14 6.55 0.93
N MET B 123 -22.92 7.24 2.04
CA MET B 123 -22.26 6.64 3.21
C MET B 123 -23.21 6.01 4.23
N THR B 124 -23.34 4.68 4.18
CA THR B 124 -24.20 3.96 5.10
C THR B 124 -23.39 3.14 6.10
N ARG B 125 -24.09 2.54 7.06
CA ARG B 125 -23.47 1.68 8.06
C ARG B 125 -22.81 0.46 7.43
N ALA B 126 -23.50 -0.13 6.46
CA ALA B 126 -23.01 -1.32 5.76
C ALA B 126 -21.66 -1.01 5.06
N ARG B 127 -21.60 0.13 4.40
CA ARG B 127 -20.38 0.55 3.74
C ARG B 127 -19.30 0.93 4.77
N ALA B 128 -19.65 1.67 5.82
CA ALA B 128 -18.70 1.88 6.95
C ALA B 128 -18.03 0.56 7.41
N LYS B 129 -18.82 -0.49 7.57
CA LYS B 129 -18.32 -1.82 7.90
C LYS B 129 -17.34 -2.39 6.87
N VAL B 130 -17.68 -2.25 5.59
CA VAL B 130 -16.87 -2.78 4.50
C VAL B 130 -15.56 -2.03 4.51
N ILE B 131 -15.65 -0.72 4.74
CA ILE B 131 -14.46 0.14 4.83
C ILE B 131 -13.56 -0.35 5.95
N ILE B 132 -14.13 -0.56 7.13
CA ILE B 132 -13.34 -1.03 8.28
C ILE B 132 -12.69 -2.36 7.99
N CYS B 133 -13.45 -3.30 7.41
CA CYS B 133 -12.88 -4.63 7.12
C CYS B 133 -11.79 -4.57 6.09
N THR B 134 -11.95 -3.74 5.07
CA THR B 134 -10.92 -3.56 4.06
C THR B 134 -9.63 -2.99 4.66
N VAL B 135 -9.74 -2.04 5.57
CA VAL B 135 -8.55 -1.52 6.27
C VAL B 135 -7.83 -2.65 7.01
N TRP B 136 -8.55 -3.44 7.81
CA TRP B 136 -7.89 -4.57 8.49
C TRP B 136 -7.31 -5.63 7.59
N ALA B 137 -7.98 -5.90 6.46
CA ALA B 137 -7.52 -6.82 5.43
C ALA B 137 -6.16 -6.35 4.90
N ILE B 138 -6.11 -5.10 4.44
CA ILE B 138 -4.90 -4.51 3.88
C ILE B 138 -3.77 -4.52 4.94
N SER B 139 -4.09 -4.11 6.15
CA SER B 139 -3.10 -4.14 7.24
C SER B 139 -2.61 -5.57 7.55
N ALA B 140 -3.53 -6.51 7.65
CA ALA B 140 -3.14 -7.93 7.77
C ALA B 140 -2.19 -8.29 6.63
N LEU B 141 -2.55 -7.91 5.43
CA LEU B 141 -1.78 -8.32 4.25
C LEU B 141 -0.34 -7.83 4.32
N VAL B 142 -0.13 -6.59 4.73
CA VAL B 142 1.20 -5.99 4.72
C VAL B 142 1.98 -6.21 6.02
N SER B 143 1.32 -6.79 7.02
CA SER B 143 1.94 -7.13 8.32
C SER B 143 2.36 -8.61 8.45
N PHE B 144 1.38 -9.52 8.47
CA PHE B 144 1.63 -10.95 8.73
C PHE B 144 2.47 -11.62 7.66
N LEU B 145 2.14 -11.43 6.41
CA LEU B 145 2.72 -12.29 5.41
C LEU B 145 4.23 -12.05 5.22
N PRO B 146 4.67 -10.78 5.12
CA PRO B 146 6.13 -10.59 5.02
C PRO B 146 6.88 -10.99 6.29
N ILE B 147 6.22 -10.94 7.45
CA ILE B 147 6.91 -11.37 8.66
C ILE B 147 6.98 -12.89 8.71
N MET B 148 5.94 -13.56 8.26
CA MET B 148 5.91 -15.01 8.38
C MET B 148 6.73 -15.63 7.23
N MET B 149 6.74 -14.99 6.06
CA MET B 149 7.67 -15.36 4.97
C MET B 149 9.14 -15.00 5.22
N HIS B 150 9.47 -14.46 6.40
CA HIS B 150 10.86 -14.11 6.71
C HIS B 150 11.53 -13.13 5.74
N TRP B 151 10.75 -12.28 5.07
CA TRP B 151 11.31 -11.30 4.14
C TRP B 151 12.07 -10.20 4.83
N TRP B 152 11.92 -10.14 6.15
CA TRP B 152 12.60 -9.15 6.95
C TRP B 152 14.01 -9.53 7.40
N ARG B 153 14.44 -10.76 7.12
CA ARG B 153 15.67 -11.26 7.72
C ARG B 153 16.93 -10.76 7.04
N ASP B 154 17.94 -10.44 7.85
CA ASP B 154 19.23 -10.06 7.30
C ASP B 154 20.33 -11.12 7.51
N GLU B 155 21.38 -11.02 6.68
CA GLU B 155 22.52 -11.93 6.71
C GLU B 155 23.71 -11.39 7.51
N ASP B 156 23.59 -10.18 8.05
CA ASP B 156 24.49 -9.67 9.07
C ASP B 156 24.71 -10.75 10.15
N PRO B 157 25.95 -10.89 10.66
CA PRO B 157 26.27 -11.82 11.77
C PRO B 157 25.48 -11.60 13.06
N GLN B 158 25.41 -10.35 13.51
CA GLN B 158 24.56 -9.99 14.65
C GLN B 158 23.10 -10.48 14.50
N ALA B 159 22.55 -10.25 13.31
CA ALA B 159 21.18 -10.65 12.98
C ALA B 159 21.01 -12.17 13.08
N LEU B 160 22.01 -12.90 12.57
CA LEU B 160 22.00 -14.35 12.66
C LEU B 160 22.13 -14.83 14.12
N LYS B 161 22.98 -14.18 14.92
CA LYS B 161 23.06 -14.51 16.33
C LYS B 161 21.68 -14.45 16.96
N CYS B 162 20.97 -13.35 16.71
CA CYS B 162 19.64 -13.14 17.31
C CYS B 162 18.61 -14.15 16.83
N TYR B 163 18.68 -14.56 15.57
CA TYR B 163 17.70 -15.50 15.05
C TYR B 163 17.89 -16.85 15.71
N GLN B 164 19.14 -17.20 15.94
CA GLN B 164 19.51 -18.46 16.60
C GLN B 164 19.36 -18.48 18.13
N ASP B 165 19.08 -17.33 18.74
CA ASP B 165 18.85 -17.24 20.17
C ASP B 165 17.34 -17.18 20.46
N PRO B 166 16.76 -18.25 21.05
CA PRO B 166 15.30 -18.21 21.37
C PRO B 166 14.96 -17.10 22.35
N GLY B 167 15.92 -16.67 23.17
CA GLY B 167 15.74 -15.56 24.09
C GLY B 167 15.82 -14.18 23.46
N CYS B 168 16.28 -14.08 22.21
CA CYS B 168 16.31 -12.81 21.47
C CYS B 168 15.08 -12.62 20.56
N CYS B 169 14.29 -11.60 20.85
CA CYS B 169 13.16 -11.24 19.99
C CYS B 169 13.30 -9.78 19.60
N ASP B 170 14.48 -9.43 19.12
CA ASP B 170 14.74 -8.11 18.53
C ASP B 170 14.30 -8.17 17.08
N PHE B 171 13.55 -7.16 16.67
CA PHE B 171 13.07 -7.12 15.30
C PHE B 171 14.19 -6.49 14.47
N VAL B 172 15.22 -7.29 14.24
CA VAL B 172 16.39 -6.88 13.50
C VAL B 172 16.18 -7.25 12.04
N THR B 173 16.03 -6.27 11.17
CA THR B 173 15.60 -6.54 9.83
C THR B 173 16.65 -6.14 8.82
N ASN B 174 16.55 -6.67 7.62
CA ASN B 174 17.33 -6.14 6.53
C ASN B 174 16.83 -4.75 6.12
N ARG B 175 17.65 -4.06 5.32
CA ARG B 175 17.39 -2.67 4.93
C ARG B 175 16.24 -2.52 3.95
N ALA B 176 16.08 -3.45 3.02
CA ALA B 176 14.99 -3.34 2.04
C ALA B 176 13.61 -3.37 2.77
N TYR B 177 13.50 -4.27 3.75
CA TYR B 177 12.27 -4.40 4.49
C TYR B 177 12.09 -3.17 5.35
N ALA B 178 13.15 -2.70 5.96
CA ALA B 178 13.06 -1.55 6.85
C ALA B 178 12.47 -0.36 6.11
N ILE B 179 13.01 -0.09 4.93
CA ILE B 179 12.49 0.99 4.08
C ILE B 179 11.08 0.65 3.53
N ALA B 180 10.89 -0.54 2.97
CA ALA B 180 9.67 -0.83 2.23
C ALA B 180 8.48 -0.91 3.17
N SER B 181 8.71 -1.58 4.30
CA SER B 181 7.68 -1.74 5.28
C SER B 181 7.36 -0.42 5.95
N SER B 182 8.36 0.41 6.23
CA SER B 182 8.05 1.76 6.78
C SER B 182 7.17 2.57 5.83
N ILE B 183 7.60 2.68 4.57
CA ILE B 183 6.83 3.41 3.55
C ILE B 183 5.39 2.86 3.39
N ILE B 184 5.25 1.54 3.29
CA ILE B 184 3.94 0.93 3.06
C ILE B 184 3.02 1.00 4.29
N SER B 185 3.52 0.61 5.45
CA SER B 185 2.74 0.64 6.67
C SER B 185 2.55 2.01 7.26
N PHE B 186 3.49 2.94 7.05
CA PHE B 186 3.47 4.19 7.81
C PHE B 186 3.55 5.47 6.97
N TYR B 187 4.63 5.68 6.26
CA TYR B 187 4.83 6.96 5.61
C TYR B 187 3.73 7.31 4.58
N ILE B 188 3.34 6.37 3.73
CA ILE B 188 2.34 6.69 2.73
C ILE B 188 1.01 7.07 3.39
N PRO B 189 0.50 6.21 4.28
CA PRO B 189 -0.73 6.65 4.94
C PRO B 189 -0.55 7.97 5.70
N LEU B 190 0.63 8.23 6.27
CA LEU B 190 0.82 9.50 6.98
C LEU B 190 0.67 10.70 6.03
N LEU B 191 1.33 10.63 4.88
CA LEU B 191 1.25 11.70 3.89
C LEU B 191 -0.16 11.92 3.36
N ILE B 192 -0.90 10.83 3.20
CA ILE B 192 -2.30 10.92 2.79
C ILE B 192 -3.14 11.62 3.87
N MET B 193 -2.95 11.22 5.12
CA MET B 193 -3.69 11.80 6.24
C MET B 193 -3.38 13.28 6.45
N ILE B 194 -2.10 13.65 6.39
CA ILE B 194 -1.70 15.06 6.50
C ILE B 194 -2.24 15.87 5.33
N PHE B 195 -2.17 15.33 4.13
CA PHE B 195 -2.70 16.03 2.96
C PHE B 195 -4.20 16.26 3.07
N VAL B 196 -4.96 15.22 3.43
CA VAL B 196 -6.41 15.36 3.58
C VAL B 196 -6.80 16.19 4.80
N ALA B 197 -6.02 16.10 5.87
CA ALA B 197 -6.31 16.83 7.09
C ALA B 197 -6.18 18.34 6.85
N LEU B 198 -5.16 18.73 6.09
CA LEU B 198 -4.99 20.14 5.73
C LEU B 198 -6.15 20.65 4.84
N ARG B 199 -6.63 19.82 3.92
CA ARG B 199 -7.77 20.21 3.10
C ARG B 199 -9.05 20.38 3.91
N VAL B 200 -9.26 19.54 4.92
CA VAL B 200 -10.44 19.65 5.77
C VAL B 200 -10.31 20.95 6.55
N TYR B 201 -9.10 21.28 6.99
CA TYR B 201 -8.87 22.53 7.71
C TYR B 201 -9.32 23.70 6.84
N ARG B 202 -8.77 23.78 5.63
CA ARG B 202 -9.10 24.84 4.68
C ARG B 202 -10.61 24.98 4.43
N GLU B 203 -11.30 23.86 4.24
CA GLU B 203 -12.75 23.89 4.01
C GLU B 203 -13.52 24.33 5.23
N ALA B 204 -13.00 24.00 6.41
CA ALA B 204 -13.62 24.41 7.65
C ALA B 204 -13.48 25.93 7.83
N LYS B 205 -12.34 26.49 7.41
CA LYS B 205 -12.14 27.93 7.47
C LYS B 205 -13.06 28.69 6.52
N GLU B 206 -13.29 28.14 5.33
CA GLU B 206 -14.23 28.75 4.41
C GLU B 206 -15.70 28.65 4.85
N GLN B 207 -16.00 27.73 5.77
CA GLN B 207 -17.34 27.66 6.37
C GLN B 207 -17.58 28.74 7.42
N ILE B 208 -16.54 29.37 7.94
CA ILE B 208 -16.69 30.30 9.06
C ILE B 208 -16.70 31.76 8.57
N ARG B 209 -16.96 31.94 7.28
CA ARG B 209 -16.83 33.25 6.65
C ARG B 209 -17.93 34.21 7.13
N LYS B 210 -19.12 33.68 7.41
CA LYS B 210 -20.26 34.50 7.79
C LYS B 210 -20.73 34.20 9.20
N ILE B 211 -19.90 33.52 9.97
CA ILE B 211 -20.33 33.08 11.30
C ILE B 211 -20.33 34.23 12.32
N ASP B 212 -19.47 35.22 12.11
CA ASP B 212 -19.51 36.44 12.95
C ASP B 212 -20.65 37.43 12.65
N ARG B 213 -21.59 37.04 11.77
CA ARG B 213 -22.81 37.82 11.51
C ARG B 213 -23.83 37.70 12.61
N ALA B 214 -24.25 38.83 13.17
CA ALA B 214 -25.37 38.91 14.10
C ALA B 214 -26.52 38.03 13.65
N SER B 215 -26.83 38.05 12.35
CA SER B 215 -27.92 37.24 11.76
C SER B 215 -27.75 35.73 11.87
N LYS B 216 -26.56 35.29 12.24
CA LYS B 216 -26.30 33.86 12.39
C LYS B 216 -25.99 33.43 13.81
N ARG B 217 -25.98 34.39 14.74
CA ARG B 217 -25.50 34.18 16.09
C ARG B 217 -26.21 33.04 16.78
N LYS B 218 -27.54 33.02 16.73
CA LYS B 218 -28.32 32.14 17.59
C LYS B 218 -28.14 30.68 17.21
N THR B 219 -28.75 30.21 16.13
CA THR B 219 -28.74 28.77 15.84
C THR B 219 -27.55 28.32 14.97
N SER B 220 -27.37 28.97 13.82
CA SER B 220 -26.34 28.53 12.86
C SER B 220 -24.92 28.45 13.46
N ARG B 221 -24.33 29.60 13.79
CA ARG B 221 -23.01 29.68 14.45
C ARG B 221 -22.77 28.66 15.56
N VAL B 222 -23.80 28.37 16.36
CA VAL B 222 -23.67 27.43 17.48
C VAL B 222 -23.32 26.01 17.00
N MET B 223 -24.04 25.59 15.98
CA MET B 223 -23.88 24.26 15.41
C MET B 223 -22.55 24.13 14.66
N LEU B 224 -22.08 25.24 14.10
CA LEU B 224 -20.80 25.28 13.42
C LEU B 224 -19.63 25.18 14.41
N MET B 225 -19.67 25.92 15.52
CA MET B 225 -18.63 25.82 16.56
C MET B 225 -18.57 24.40 17.18
N ARG B 226 -19.73 23.76 17.32
CA ARG B 226 -19.79 22.41 17.87
C ARG B 226 -19.16 21.40 16.92
N GLU B 227 -19.48 21.50 15.62
CA GLU B 227 -18.90 20.62 14.61
C GLU B 227 -17.39 20.78 14.54
N HIS B 228 -16.92 22.02 14.47
CA HIS B 228 -15.50 22.30 14.46
C HIS B 228 -14.81 21.81 15.68
N LYS B 229 -15.46 21.88 16.84
CA LYS B 229 -14.87 21.36 18.07
C LYS B 229 -14.61 19.86 17.95
N ALA B 230 -15.54 19.11 17.35
CA ALA B 230 -15.32 17.70 17.10
C ALA B 230 -14.20 17.46 16.06
N LEU B 231 -14.16 18.27 15.01
CA LEU B 231 -13.07 18.17 14.03
C LEU B 231 -11.70 18.42 14.67
N LYS B 232 -11.65 19.39 15.57
CA LYS B 232 -10.43 19.70 16.31
C LYS B 232 -10.02 18.52 17.19
N THR B 233 -10.99 17.81 17.77
CA THR B 233 -10.70 16.58 18.53
C THR B 233 -10.03 15.55 17.62
N LEU B 234 -10.64 15.27 16.47
CA LEU B 234 -10.02 14.38 15.47
C LEU B 234 -8.62 14.89 15.09
N GLY B 235 -8.49 16.18 14.87
CA GLY B 235 -7.17 16.71 14.54
C GLY B 235 -6.15 16.43 15.61
N ILE B 236 -6.56 16.50 16.87
CA ILE B 236 -5.62 16.24 17.98
C ILE B 236 -5.23 14.74 18.05
N ILE B 237 -6.17 13.81 17.81
CA ILE B 237 -5.80 12.39 17.85
C ILE B 237 -4.82 12.09 16.71
N MET B 238 -5.03 12.71 15.54
CA MET B 238 -4.10 12.57 14.39
C MET B 238 -2.72 13.16 14.68
N GLY B 239 -2.66 14.32 15.30
CA GLY B 239 -1.37 14.95 15.59
C GLY B 239 -0.61 14.20 16.68
N VAL B 240 -1.31 13.82 17.74
CA VAL B 240 -0.66 13.11 18.83
C VAL B 240 -0.14 11.75 18.34
N PHE B 241 -0.90 11.06 17.46
CA PHE B 241 -0.43 9.80 16.85
C PHE B 241 0.86 10.02 16.07
N THR B 242 0.87 11.04 15.22
CA THR B 242 2.07 11.42 14.48
C THR B 242 3.23 11.70 15.43
N LEU B 243 3.02 12.53 16.43
CA LEU B 243 4.09 12.82 17.40
C LEU B 243 4.60 11.57 18.09
N CYS B 244 3.70 10.67 18.46
CA CYS B 244 4.11 9.43 19.15
C CYS B 244 4.85 8.39 18.27
N TRP B 245 4.55 8.32 16.96
CA TRP B 245 5.16 7.31 16.08
C TRP B 245 6.19 7.82 15.13
N LEU B 246 6.07 9.08 14.72
CA LEU B 246 7.07 9.62 13.79
C LEU B 246 8.51 9.38 14.30
N PRO B 247 8.81 9.67 15.58
CA PRO B 247 10.23 9.58 15.99
C PRO B 247 10.80 8.17 15.82
N PHE B 248 10.03 7.18 16.24
CA PHE B 248 10.42 5.80 16.00
C PHE B 248 10.65 5.46 14.52
N PHE B 249 9.74 5.87 13.63
CA PHE B 249 9.93 5.61 12.21
C PHE B 249 11.05 6.43 11.55
N LEU B 250 11.32 7.64 12.06
CA LEU B 250 12.44 8.46 11.52
C LEU B 250 13.75 7.72 11.85
N VAL B 251 13.87 7.33 13.11
CA VAL B 251 15.03 6.59 13.59
C VAL B 251 15.21 5.26 12.87
N ASN B 252 14.13 4.57 12.57
CA ASN B 252 14.18 3.36 11.74
C ASN B 252 14.89 3.60 10.41
N ILE B 253 14.54 4.69 9.73
CA ILE B 253 15.19 5.03 8.45
C ILE B 253 16.63 5.44 8.69
N VAL B 254 16.87 6.31 9.67
CA VAL B 254 18.22 6.76 9.94
C VAL B 254 19.18 5.57 10.11
N ASN B 255 18.72 4.58 10.87
CA ASN B 255 19.49 3.38 11.12
C ASN B 255 19.87 2.58 9.87
N VAL B 256 19.08 2.71 8.81
CA VAL B 256 19.40 2.07 7.55
C VAL B 256 20.67 2.67 6.97
N PHE B 257 20.84 3.97 7.15
CA PHE B 257 21.98 4.69 6.58
C PHE B 257 23.18 4.84 7.53
N ASN B 258 22.95 4.72 8.83
CA ASN B 258 24.06 4.70 9.76
C ASN B 258 23.71 3.85 10.98
N ARG B 259 24.30 2.67 11.08
CA ARG B 259 23.93 1.68 12.11
C ARG B 259 24.33 2.09 13.52
N ASP B 260 25.17 3.12 13.64
CA ASP B 260 25.72 3.53 14.93
C ASP B 260 25.11 4.79 15.49
N LEU B 261 24.60 5.63 14.61
CA LEU B 261 24.22 6.99 14.98
C LEU B 261 23.22 7.09 16.14
N VAL B 262 22.46 6.02 16.37
CA VAL B 262 21.32 6.02 17.29
C VAL B 262 21.46 4.94 18.35
N PRO B 263 21.55 5.33 19.63
CA PRO B 263 21.70 4.31 20.65
C PRO B 263 20.47 3.42 20.79
N ASP B 264 20.71 2.12 20.94
CA ASP B 264 19.64 1.11 21.14
C ASP B 264 18.54 1.58 22.09
N TRP B 265 18.93 2.05 23.26
CA TRP B 265 17.94 2.43 24.26
C TRP B 265 16.97 3.45 23.71
N LEU B 266 17.43 4.38 22.86
CA LEU B 266 16.56 5.41 22.30
C LEU B 266 15.55 4.75 21.36
N PHE B 267 16.05 3.81 20.57
CA PHE B 267 15.18 3.05 19.70
C PHE B 267 14.07 2.43 20.55
N VAL B 268 14.44 1.86 21.68
CA VAL B 268 13.45 1.26 22.55
C VAL B 268 12.54 2.29 23.20
N ALA B 269 13.08 3.47 23.53
CA ALA B 269 12.30 4.54 24.16
C ALA B 269 11.19 5.01 23.22
N PHE B 270 11.60 5.41 22.01
CA PHE B 270 10.67 5.85 20.97
C PHE B 270 9.60 4.82 20.63
N ASN B 271 9.94 3.55 20.73
CA ASN B 271 8.99 2.49 20.53
C ASN B 271 7.92 2.54 21.60
N TRP B 272 8.34 2.71 22.86
CA TRP B 272 7.42 2.84 24.01
C TRP B 272 6.60 4.11 24.00
N LEU B 273 7.13 5.19 23.44
CA LEU B 273 6.31 6.37 23.17
C LEU B 273 5.15 5.95 22.26
N GLY B 274 5.47 5.22 21.21
CA GLY B 274 4.47 4.71 20.30
C GLY B 274 3.42 3.85 20.98
N TYR B 275 3.85 2.88 21.80
CA TYR B 275 2.91 2.07 22.56
C TYR B 275 2.00 2.94 23.44
N ALA B 276 2.60 3.94 24.10
CA ALA B 276 1.86 4.79 25.02
C ALA B 276 0.72 5.53 24.31
N ASN B 277 0.86 5.77 23.01
CA ASN B 277 -0.24 6.37 22.23
C ASN B 277 -1.58 5.66 22.37
N SER B 278 -1.57 4.37 22.67
CA SER B 278 -2.80 3.60 22.78
C SER B 278 -3.62 3.88 24.01
N ALA B 279 -3.01 4.57 24.98
CA ALA B 279 -3.68 5.00 26.21
C ALA B 279 -4.25 6.43 26.08
N MET B 280 -3.92 7.12 24.99
CA MET B 280 -4.15 8.56 24.90
C MET B 280 -5.55 8.90 24.38
N ASN B 281 -6.03 8.21 23.37
CA ASN B 281 -7.28 8.63 22.74
C ASN B 281 -8.48 8.70 23.68
N PRO B 282 -8.61 7.73 24.59
CA PRO B 282 -9.73 7.82 25.52
C PRO B 282 -9.72 9.09 26.38
N ILE B 283 -8.52 9.52 26.79
CA ILE B 283 -8.39 10.78 27.50
C ILE B 283 -8.76 11.93 26.58
N ILE B 284 -8.20 11.96 25.38
CA ILE B 284 -8.51 13.03 24.43
C ILE B 284 -10.01 13.19 24.11
N TYR B 285 -10.75 12.08 24.08
CA TYR B 285 -12.20 12.08 23.83
C TYR B 285 -12.99 12.70 24.97
N CYS B 286 -12.37 12.89 26.13
CA CYS B 286 -12.99 13.62 27.22
C CYS B 286 -13.19 15.12 26.90
N ARG B 287 -12.65 15.60 25.78
CA ARG B 287 -13.02 16.92 25.26
C ARG B 287 -14.51 17.01 24.89
N SER B 288 -15.13 15.86 24.65
CA SER B 288 -16.52 15.82 24.24
C SER B 288 -17.42 15.58 25.44
N PRO B 289 -18.44 16.44 25.63
CA PRO B 289 -19.47 16.22 26.65
C PRO B 289 -20.11 14.83 26.57
N ASP B 290 -20.53 14.45 25.35
CA ASP B 290 -21.23 13.17 25.11
C ASP B 290 -20.44 11.96 25.58
N PHE B 291 -19.13 11.97 25.27
CA PHE B 291 -18.20 10.92 25.75
C PHE B 291 -18.03 10.97 27.27
N ARG B 292 -17.77 12.18 27.77
CA ARG B 292 -17.59 12.42 29.21
C ARG B 292 -18.78 11.90 30.04
N LYS B 293 -19.99 12.15 29.55
CA LYS B 293 -21.22 11.66 30.19
C LYS B 293 -21.32 10.15 30.16
N ALA B 294 -21.12 9.55 28.99
CA ALA B 294 -21.19 8.08 28.86
C ALA B 294 -20.12 7.39 29.74
N PHE B 295 -18.95 8.01 29.88
CA PHE B 295 -17.87 7.49 30.72
C PHE B 295 -18.26 7.53 32.18
N LYS B 296 -18.84 8.64 32.62
CA LYS B 296 -19.30 8.75 34.01
C LYS B 296 -20.41 7.74 34.28
N ARG B 297 -21.42 7.70 33.42
CA ARG B 297 -22.47 6.71 33.53
C ARG B 297 -21.92 5.28 33.63
N LEU B 298 -21.04 4.91 32.71
CA LEU B 298 -20.54 3.53 32.65
C LEU B 298 -19.76 3.15 33.92
N LEU B 299 -18.98 4.07 34.44
CA LEU B 299 -18.24 3.84 35.68
C LEU B 299 -19.21 4.02 36.86
#